data_9KBR
#
_entry.id   9KBR
#
_cell.length_a   69.196
_cell.length_b   69.196
_cell.length_c   65.597
_cell.angle_alpha   90.000
_cell.angle_beta   90.000
_cell.angle_gamma   90.000
#
_symmetry.space_group_name_H-M   'P 41'
#
loop_
_entity.id
_entity.type
_entity.pdbx_description
1 polymer "DNA (5'-D(*CP*CP*AP*CP*TP*GP*(MA7)P*GP*AP*GP*CP*TP*TP*C)-3')"
2 polymer "RNA (5'-R(*GP*GP*AP*AP*GP*CP*UP*CP*UP*GP*AP*CP*CP*GP*AP*CP*CP*CP*CP*CP*AP*GP*CP*C)-3')"
3 polymer "RNA (5'-R(*GP*CP*UP*GP*GP*GP*AP*CP*AP*AP*CP*UP*AP*GP*AP*CP*AP*UP*AP*CP*AP*GP*UP*G)-3')"
4 non-polymer 'SODIUM ION'
5 non-polymer GUANINE
6 water water
#
loop_
_entity_poly.entity_id
_entity_poly.type
_entity_poly.pdbx_seq_one_letter_code
_entity_poly.pdbx_strand_id
1 'polydeoxyribonucleotide' (DC)(DC)(DA)(DC)(DT)(DG)(MA7)(DG)(DA)(DG)(DC)(DT)(DT)(DC) A
2 'polyribonucleotide' GGAAGCUCUGACCGACCCCCAGCC B
3 'polyribonucleotide' GCUGGGACAACUAGACAUACAGUG C
#